data_3ZFM
#
_entry.id   3ZFM
#
_cell.length_a   34.590
_cell.length_b   41.190
_cell.length_c   54.470
_cell.angle_alpha   92.65
_cell.angle_beta   97.15
_cell.angle_gamma   114.79
#
_symmetry.space_group_name_H-M   'P 1'
#
loop_
_entity.id
_entity.type
_entity.pdbx_description
1 polymer 'EPHRIN TYPE-B RECEPTOR 2'
2 water water
#
_entity_poly.entity_id   1
_entity_poly.type   'polypeptide(L)'
_entity_poly.pdbx_seq_one_letter_code
;GSSDPNEAVREFAKEIDISCVKIEQVIGAGEFGEVCSGHLKLPGKREIFVAIKTLKSGYTEKQRRDFLSEASIMGQFDHP
NVIHLEGVVTKSTPVMIITEFMENGSLDSFLRQNDGQFTVIQLVGMLRGIAAGMKYLADMNYVHRDLAARNILVNSNLVC
KVSDFGLSRFLEDDTSDPTYTSALGGKIPIRWTAPEAIQYRKFTSASDVWSYGIVMWEVMSYGERPYWDMTNQDVINAIE
QDYRLPPPMDCPSALHQLMLDCWQKDRNHRPKFGQIVNTLDKMIRNPNSLKAMAPLSS
;
_entity_poly.pdbx_strand_id   A
#
# COMPACT_ATOMS: atom_id res chain seq x y z
N GLU A 15 -4.15 12.70 22.43
CA GLU A 15 -5.30 11.94 21.92
C GLU A 15 -5.71 10.84 22.90
N ILE A 16 -4.77 9.93 23.26
CA ILE A 16 -5.01 8.79 24.15
C ILE A 16 -4.25 8.93 25.47
N ASP A 17 -4.92 8.59 26.60
CA ASP A 17 -4.36 8.57 27.94
C ASP A 17 -3.58 7.25 28.09
N ILE A 18 -2.33 7.31 28.62
CA ILE A 18 -1.41 6.18 28.78
C ILE A 18 -2.03 4.95 29.51
N SER A 19 -3.02 5.18 30.41
CA SER A 19 -3.72 4.12 31.15
C SER A 19 -4.52 3.16 30.25
N CYS A 20 -4.91 3.65 29.05
CA CYS A 20 -5.66 2.87 28.05
C CYS A 20 -4.73 1.97 27.23
N VAL A 21 -3.41 2.26 27.23
CA VAL A 21 -2.38 1.52 26.48
C VAL A 21 -1.67 0.48 27.36
N LYS A 22 -1.41 -0.72 26.79
CA LYS A 22 -0.71 -1.81 27.46
C LYS A 22 0.19 -2.59 26.46
N ILE A 23 1.50 -2.32 26.49
CA ILE A 23 2.52 -2.93 25.62
C ILE A 23 2.72 -4.42 25.97
N GLU A 24 2.59 -5.30 24.97
CA GLU A 24 2.72 -6.75 25.15
C GLU A 24 4.01 -7.35 24.60
N GLN A 25 4.36 -7.05 23.33
CA GLN A 25 5.56 -7.59 22.67
C GLN A 25 6.13 -6.65 21.59
N VAL A 26 7.32 -6.99 21.06
CA VAL A 26 8.01 -6.27 19.99
C VAL A 26 8.20 -7.22 18.79
N ILE A 27 7.83 -6.78 17.58
CA ILE A 27 7.95 -7.57 16.35
C ILE A 27 8.29 -6.69 15.14
N PHE A 32 12.52 5.41 12.98
CA PHE A 32 12.82 6.33 14.09
C PHE A 32 13.10 5.59 15.39
N GLY A 33 12.16 4.74 15.82
CA GLY A 33 12.29 3.95 17.05
C GLY A 33 11.89 2.50 16.90
N GLU A 34 11.19 1.96 17.91
CA GLU A 34 10.75 0.57 17.95
C GLU A 34 9.27 0.38 17.62
N VAL A 35 8.94 -0.67 16.84
CA VAL A 35 7.57 -1.04 16.46
C VAL A 35 7.09 -2.15 17.39
N CYS A 36 6.02 -1.88 18.15
CA CYS A 36 5.51 -2.81 19.16
C CYS A 36 4.04 -3.23 18.96
N SER A 37 3.66 -4.28 19.69
CA SER A 37 2.33 -4.89 19.75
C SER A 37 1.72 -4.57 21.12
N GLY A 38 0.40 -4.44 21.17
CA GLY A 38 -0.31 -4.14 22.43
C GLY A 38 -1.81 -4.12 22.39
N HIS A 39 -2.43 -3.75 23.54
CA HIS A 39 -3.88 -3.67 23.75
C HIS A 39 -4.31 -2.23 24.03
N LEU A 40 -5.53 -1.86 23.59
CA LEU A 40 -6.10 -0.53 23.80
C LEU A 40 -7.55 -0.61 24.30
N LYS A 41 -7.76 -0.17 25.56
CA LYS A 41 -9.08 -0.16 26.18
C LYS A 41 -9.41 1.25 26.68
N LEU A 42 -10.15 2.01 25.87
CA LEU A 42 -10.56 3.39 26.17
C LEU A 42 -11.82 3.38 27.06
N PRO A 43 -12.01 4.36 27.99
CA PRO A 43 -13.24 4.35 28.83
C PRO A 43 -14.51 4.47 27.99
N GLY A 44 -15.44 3.54 28.23
CA GLY A 44 -16.68 3.45 27.49
C GLY A 44 -16.47 2.84 26.12
N LYS A 45 -15.56 1.84 26.03
CA LYS A 45 -15.18 1.09 24.82
C LYS A 45 -14.51 -0.25 25.16
N ARG A 46 -14.62 -1.23 24.24
CA ARG A 46 -14.03 -2.57 24.32
C ARG A 46 -12.51 -2.57 24.15
N GLU A 47 -11.81 -3.56 24.75
CA GLU A 47 -10.36 -3.69 24.62
C GLU A 47 -10.05 -4.28 23.23
N ILE A 48 -9.28 -3.54 22.42
CA ILE A 48 -8.93 -3.95 21.06
C ILE A 48 -7.41 -4.03 20.86
N PHE A 49 -6.96 -5.05 20.11
CA PHE A 49 -5.55 -5.31 19.81
C PHE A 49 -5.03 -4.29 18.79
N VAL A 50 -3.93 -3.58 19.14
CA VAL A 50 -3.35 -2.51 18.32
C VAL A 50 -1.84 -2.64 18.05
N ALA A 51 -1.34 -1.82 17.10
CA ALA A 51 0.05 -1.68 16.70
C ALA A 51 0.54 -0.35 17.28
N ILE A 52 1.59 -0.40 18.11
CA ILE A 52 2.13 0.80 18.79
C ILE A 52 3.59 1.09 18.41
N LYS A 53 3.82 2.18 17.68
CA LYS A 53 5.18 2.61 17.32
C LYS A 53 5.68 3.56 18.40
N THR A 54 6.96 3.41 18.78
CA THR A 54 7.60 4.24 19.83
C THR A 54 8.84 4.99 19.32
N LEU A 55 9.32 5.98 20.11
CA LEU A 55 10.50 6.79 19.84
C LEU A 55 11.07 7.33 21.15
N THR A 60 16.02 14.62 20.08
CA THR A 60 15.95 15.22 18.74
C THR A 60 14.61 15.92 18.52
N GLU A 61 14.65 17.24 18.25
CA GLU A 61 13.47 18.07 18.03
C GLU A 61 12.90 17.89 16.62
N LYS A 62 13.77 17.85 15.58
CA LYS A 62 13.40 17.68 14.18
C LYS A 62 12.85 16.27 13.87
N GLN A 63 13.37 15.23 14.56
CA GLN A 63 12.94 13.84 14.40
C GLN A 63 11.61 13.56 15.12
N ARG A 64 11.31 14.30 16.20
CA ARG A 64 10.06 14.19 16.96
C ARG A 64 8.94 14.84 16.14
N ARG A 65 9.28 15.90 15.38
CA ARG A 65 8.37 16.62 14.49
C ARG A 65 8.02 15.78 13.28
N ASP A 66 8.96 14.93 12.81
CA ASP A 66 8.79 14.04 11.66
C ASP A 66 8.01 12.78 12.01
N PHE A 67 8.21 12.24 13.23
CA PHE A 67 7.55 11.05 13.75
C PHE A 67 6.05 11.30 13.89
N LEU A 68 5.68 12.40 14.58
CA LEU A 68 4.29 12.79 14.83
C LEU A 68 3.55 13.32 13.59
N SER A 69 4.29 13.80 12.56
CA SER A 69 3.71 14.33 11.32
C SER A 69 3.02 13.26 10.48
N GLU A 70 3.51 11.99 10.58
CA GLU A 70 2.95 10.84 9.88
C GLU A 70 1.51 10.61 10.35
N ALA A 71 1.29 10.68 11.68
CA ALA A 71 -0.02 10.52 12.32
C ALA A 71 -0.95 11.71 12.06
N SER A 72 -0.38 12.90 11.75
CA SER A 72 -1.14 14.11 11.44
C SER A 72 -1.83 13.97 10.07
N ILE A 73 -1.10 13.39 9.10
CA ILE A 73 -1.58 13.11 7.73
C ILE A 73 -2.57 11.93 7.83
N MET A 74 -2.17 10.86 8.54
CA MET A 74 -2.92 9.62 8.78
C MET A 74 -4.26 9.86 9.48
N GLY A 75 -4.29 10.81 10.41
CA GLY A 75 -5.45 11.18 11.20
C GLY A 75 -6.55 11.85 10.41
N GLN A 76 -6.20 12.35 9.21
CA GLN A 76 -7.12 13.01 8.28
C GLN A 76 -7.87 12.00 7.41
N PHE A 77 -7.51 10.70 7.51
CA PHE A 77 -8.11 9.63 6.71
C PHE A 77 -8.99 8.66 7.50
N ASP A 78 -10.14 8.29 6.92
CA ASP A 78 -11.15 7.37 7.48
C ASP A 78 -11.63 6.43 6.35
N HIS A 79 -10.84 5.39 6.05
CA HIS A 79 -11.19 4.43 4.99
C HIS A 79 -10.80 3.00 5.33
N PRO A 80 -11.63 1.98 4.97
CA PRO A 80 -11.26 0.58 5.27
C PRO A 80 -9.95 0.08 4.64
N ASN A 81 -9.38 0.81 3.65
CA ASN A 81 -8.11 0.39 3.01
C ASN A 81 -6.96 1.37 3.22
N VAL A 82 -7.06 2.16 4.28
CA VAL A 82 -6.03 3.10 4.71
C VAL A 82 -5.90 2.78 6.19
N ILE A 83 -4.67 2.57 6.69
CA ILE A 83 -4.41 2.26 8.11
C ILE A 83 -5.04 3.32 9.01
N HIS A 84 -5.90 2.87 9.94
CA HIS A 84 -6.63 3.70 10.88
C HIS A 84 -5.76 4.06 12.05
N LEU A 85 -5.76 5.35 12.40
CA LEU A 85 -5.01 5.85 13.55
C LEU A 85 -5.99 5.91 14.73
N GLU A 86 -5.73 5.07 15.75
CA GLU A 86 -6.54 5.06 16.97
C GLU A 86 -6.24 6.34 17.77
N GLY A 87 -4.98 6.80 17.69
CA GLY A 87 -4.53 8.02 18.35
C GLY A 87 -3.03 8.17 18.51
N VAL A 88 -2.65 9.15 19.35
CA VAL A 88 -1.26 9.53 19.64
C VAL A 88 -1.10 9.91 21.14
N VAL A 89 0.04 9.54 21.75
CA VAL A 89 0.38 9.86 23.15
C VAL A 89 1.62 10.77 23.13
N THR A 90 1.43 12.05 23.51
CA THR A 90 2.45 13.10 23.52
C THR A 90 2.84 13.63 24.92
N LYS A 91 1.84 13.76 25.83
CA LYS A 91 2.00 14.29 27.19
C LYS A 91 2.88 13.42 28.11
N SER A 92 3.16 12.16 27.70
CA SER A 92 3.99 11.23 28.46
C SER A 92 5.16 10.68 27.63
N THR A 93 6.11 10.00 28.30
CA THR A 93 7.27 9.38 27.66
C THR A 93 7.16 7.84 27.72
N PRO A 94 7.40 7.10 26.60
CA PRO A 94 7.78 7.58 25.26
C PRO A 94 6.59 8.01 24.39
N VAL A 95 6.88 8.72 23.27
CA VAL A 95 5.86 9.14 22.30
C VAL A 95 5.32 7.89 21.57
N MET A 96 3.99 7.78 21.46
CA MET A 96 3.37 6.61 20.86
C MET A 96 2.42 6.92 19.70
N ILE A 97 2.48 6.10 18.66
CA ILE A 97 1.59 6.15 17.51
C ILE A 97 0.79 4.85 17.58
N ILE A 98 -0.51 4.95 17.91
CA ILE A 98 -1.36 3.78 18.06
C ILE A 98 -2.23 3.64 16.82
N THR A 99 -1.89 2.66 15.99
CA THR A 99 -2.61 2.32 14.77
C THR A 99 -3.23 0.95 14.95
N GLU A 100 -4.20 0.60 14.09
CA GLU A 100 -4.87 -0.70 14.10
C GLU A 100 -3.85 -1.82 13.86
N PHE A 101 -4.11 -3.01 14.42
CA PHE A 101 -3.21 -4.14 14.26
C PHE A 101 -3.46 -4.91 12.96
N MET A 102 -2.33 -5.28 12.29
CA MET A 102 -2.31 -5.98 11.01
C MET A 102 -1.45 -7.24 11.15
N GLU A 103 -2.09 -8.32 11.61
CA GLU A 103 -1.54 -9.66 11.90
C GLU A 103 -0.55 -10.18 10.88
N ASN A 104 -0.82 -9.93 9.59
CA ASN A 104 -0.04 -10.48 8.48
C ASN A 104 1.07 -9.57 7.92
N GLY A 105 1.30 -8.43 8.56
CA GLY A 105 2.35 -7.48 8.19
C GLY A 105 2.32 -6.95 6.76
N SER A 106 3.51 -6.66 6.20
CA SER A 106 3.68 -6.13 4.84
C SER A 106 3.23 -7.11 3.78
N LEU A 107 2.60 -6.61 2.72
CA LEU A 107 2.02 -7.45 1.64
C LEU A 107 3.08 -8.16 0.79
N ASP A 108 4.23 -7.53 0.51
CA ASP A 108 5.30 -8.12 -0.29
C ASP A 108 5.90 -9.40 0.36
N SER A 109 6.23 -9.34 1.66
CA SER A 109 6.80 -10.47 2.41
C SER A 109 5.73 -11.50 2.69
N PHE A 110 4.47 -11.06 2.98
CA PHE A 110 3.33 -11.94 3.24
C PHE A 110 3.06 -12.82 2.05
N LEU A 111 3.12 -12.25 0.82
CA LEU A 111 2.87 -12.99 -0.41
C LEU A 111 4.04 -13.92 -0.73
N ARG A 112 5.31 -13.46 -0.47
CA ARG A 112 6.52 -14.24 -0.68
C ARG A 112 6.47 -15.55 0.14
N GLN A 113 5.95 -15.47 1.38
CA GLN A 113 5.80 -16.60 2.31
C GLN A 113 4.66 -17.53 1.92
N ASN A 114 3.77 -17.08 1.02
CA ASN A 114 2.61 -17.81 0.52
C ASN A 114 2.59 -17.91 -1.01
N ASP A 115 3.77 -18.08 -1.65
CA ASP A 115 3.89 -18.20 -3.12
C ASP A 115 3.01 -19.32 -3.70
N GLY A 116 2.02 -18.93 -4.50
CA GLY A 116 1.04 -19.81 -5.15
C GLY A 116 -0.08 -20.32 -4.25
N GLN A 117 -0.29 -19.67 -3.09
CA GLN A 117 -1.28 -20.16 -2.11
C GLN A 117 -2.70 -19.62 -2.27
N PHE A 118 -2.88 -18.43 -2.88
CA PHE A 118 -4.18 -17.81 -3.09
C PHE A 118 -4.66 -17.95 -4.53
N THR A 119 -5.99 -17.92 -4.72
CA THR A 119 -6.60 -18.00 -6.05
C THR A 119 -6.46 -16.65 -6.77
N VAL A 120 -6.76 -16.61 -8.08
CA VAL A 120 -6.73 -15.36 -8.86
C VAL A 120 -7.74 -14.34 -8.24
N ILE A 121 -8.97 -14.81 -7.90
CA ILE A 121 -10.04 -14.00 -7.27
C ILE A 121 -9.53 -13.37 -5.96
N GLN A 122 -8.81 -14.17 -5.13
CA GLN A 122 -8.25 -13.70 -3.87
C GLN A 122 -7.17 -12.63 -4.07
N LEU A 123 -6.39 -12.74 -5.16
CA LEU A 123 -5.35 -11.75 -5.50
C LEU A 123 -5.99 -10.47 -6.07
N VAL A 124 -7.07 -10.60 -6.88
CA VAL A 124 -7.84 -9.48 -7.47
C VAL A 124 -8.59 -8.72 -6.37
N GLY A 125 -8.98 -9.45 -5.31
CA GLY A 125 -9.63 -8.88 -4.14
C GLY A 125 -8.71 -7.92 -3.40
N MET A 126 -7.45 -8.34 -3.22
CA MET A 126 -6.39 -7.59 -2.58
C MET A 126 -6.12 -6.28 -3.34
N LEU A 127 -6.04 -6.38 -4.68
CA LEU A 127 -5.81 -5.27 -5.59
C LEU A 127 -6.96 -4.28 -5.62
N ARG A 128 -8.20 -4.78 -5.50
CA ARG A 128 -9.41 -3.97 -5.47
C ARG A 128 -9.41 -3.15 -4.16
N GLY A 129 -8.94 -3.77 -3.08
CA GLY A 129 -8.77 -3.14 -1.78
C GLY A 129 -7.74 -2.02 -1.83
N ILE A 130 -6.54 -2.30 -2.40
CA ILE A 130 -5.47 -1.29 -2.54
C ILE A 130 -5.96 -0.10 -3.38
N ALA A 131 -6.56 -0.37 -4.56
CA ALA A 131 -7.09 0.66 -5.47
C ALA A 131 -8.20 1.51 -4.85
N ALA A 132 -9.01 0.92 -3.94
CA ALA A 132 -10.10 1.63 -3.25
C ALA A 132 -9.57 2.62 -2.20
N GLY A 133 -8.50 2.24 -1.50
CA GLY A 133 -7.84 3.09 -0.49
C GLY A 133 -7.11 4.21 -1.21
N MET A 134 -6.46 3.85 -2.33
CA MET A 134 -5.77 4.79 -3.20
C MET A 134 -6.78 5.74 -3.83
N LYS A 135 -8.01 5.27 -4.16
CA LYS A 135 -9.10 6.09 -4.71
C LYS A 135 -9.47 7.19 -3.72
N TYR A 136 -9.75 6.80 -2.46
CA TYR A 136 -10.07 7.67 -1.35
C TYR A 136 -8.98 8.75 -1.16
N LEU A 137 -7.68 8.35 -1.10
CA LEU A 137 -6.54 9.26 -0.95
C LEU A 137 -6.45 10.28 -2.09
N ALA A 138 -6.61 9.83 -3.35
CA ALA A 138 -6.57 10.67 -4.54
C ALA A 138 -7.70 11.72 -4.50
N ASP A 139 -8.91 11.28 -4.09
CA ASP A 139 -10.13 12.06 -3.92
C ASP A 139 -9.98 13.16 -2.88
N MET A 140 -9.08 12.93 -1.88
CA MET A 140 -8.71 13.84 -0.80
C MET A 140 -7.51 14.73 -1.21
N ASN A 141 -7.21 14.84 -2.54
CA ASN A 141 -6.13 15.63 -3.15
C ASN A 141 -4.72 15.22 -2.68
N TYR A 142 -4.56 13.97 -2.20
CA TYR A 142 -3.31 13.40 -1.68
C TYR A 142 -2.56 12.56 -2.72
N VAL A 143 -1.24 12.79 -2.84
CA VAL A 143 -0.33 12.02 -3.70
C VAL A 143 0.59 11.25 -2.77
N HIS A 144 0.47 9.91 -2.76
CA HIS A 144 1.24 9.04 -1.88
C HIS A 144 2.77 9.05 -2.17
N ARG A 145 3.18 8.95 -3.46
CA ARG A 145 4.58 8.96 -3.97
C ARG A 145 5.44 7.74 -3.57
N ASP A 146 4.99 6.93 -2.61
CA ASP A 146 5.72 5.76 -2.11
C ASP A 146 4.82 4.52 -2.16
N LEU A 147 3.96 4.40 -3.19
CA LEU A 147 3.06 3.25 -3.26
C LEU A 147 3.80 2.03 -3.80
N ALA A 148 3.84 0.96 -2.97
CA ALA A 148 4.51 -0.32 -3.18
C ALA A 148 3.94 -1.35 -2.19
N ALA A 149 4.13 -2.65 -2.49
CA ALA A 149 3.62 -3.77 -1.67
C ALA A 149 4.18 -3.80 -0.25
N ARG A 150 5.40 -3.28 -0.04
CA ARG A 150 6.05 -3.20 1.27
C ARG A 150 5.40 -2.11 2.14
N ASN A 151 4.64 -1.21 1.48
CA ASN A 151 3.91 -0.09 2.08
C ASN A 151 2.43 -0.40 2.26
N ILE A 152 2.00 -1.61 1.84
CA ILE A 152 0.64 -2.12 2.02
C ILE A 152 0.66 -3.15 3.17
N LEU A 153 -0.27 -3.00 4.13
CA LEU A 153 -0.37 -3.89 5.28
C LEU A 153 -1.55 -4.82 5.10
N VAL A 154 -1.49 -6.03 5.68
CA VAL A 154 -2.52 -7.08 5.58
C VAL A 154 -2.95 -7.61 6.93
N ASN A 155 -4.24 -7.92 7.07
CA ASN A 155 -4.81 -8.49 8.30
C ASN A 155 -5.30 -9.95 8.08
N SER A 156 -5.93 -10.55 9.12
CA SER A 156 -6.45 -11.92 9.04
C SER A 156 -7.63 -12.06 8.07
N ASN A 157 -8.25 -10.92 7.69
CA ASN A 157 -9.33 -10.97 6.72
C ASN A 157 -8.84 -10.87 5.26
N LEU A 158 -7.49 -10.83 5.06
CA LEU A 158 -6.83 -10.65 3.76
C LEU A 158 -7.05 -9.23 3.22
N VAL A 159 -7.46 -8.29 4.10
CA VAL A 159 -7.75 -6.90 3.75
C VAL A 159 -6.45 -6.09 3.67
N CYS A 160 -6.25 -5.47 2.51
CA CYS A 160 -5.07 -4.68 2.17
C CYS A 160 -5.28 -3.19 2.42
N LYS A 161 -4.38 -2.60 3.22
CA LYS A 161 -4.46 -1.19 3.58
C LYS A 161 -3.18 -0.44 3.32
N VAL A 162 -3.31 0.76 2.73
CA VAL A 162 -2.23 1.68 2.41
C VAL A 162 -1.62 2.22 3.71
N SER A 163 -0.28 2.18 3.81
CA SER A 163 0.47 2.72 4.94
C SER A 163 1.58 3.65 4.42
N ASP A 164 2.43 4.18 5.35
CA ASP A 164 3.57 5.07 5.13
C ASP A 164 3.15 6.42 4.51
N PHE A 165 2.72 7.36 5.37
CA PHE A 165 2.26 8.69 4.95
C PHE A 165 3.21 9.82 5.39
N PRO A 189 12.01 5.72 -4.57
CA PRO A 189 11.59 4.36 -4.96
C PRO A 189 11.44 4.28 -6.48
N ILE A 190 12.57 4.51 -7.17
CA ILE A 190 12.79 4.56 -8.63
C ILE A 190 12.01 3.48 -9.39
N ARG A 191 12.12 2.19 -8.99
CA ARG A 191 11.50 1.11 -9.74
C ARG A 191 9.98 1.03 -9.56
N TRP A 192 9.39 1.96 -8.77
CA TRP A 192 7.95 2.13 -8.56
C TRP A 192 7.52 3.48 -9.06
N THR A 193 8.47 4.38 -9.40
CA THR A 193 8.16 5.76 -9.79
C THR A 193 7.93 5.92 -11.29
N ALA A 194 6.91 6.70 -11.64
CA ALA A 194 6.55 7.02 -13.02
C ALA A 194 7.70 7.76 -13.73
N PRO A 195 7.87 7.61 -15.07
CA PRO A 195 8.98 8.31 -15.76
C PRO A 195 8.97 9.82 -15.56
N GLU A 196 7.85 10.52 -15.85
CA GLU A 196 7.69 11.99 -15.70
C GLU A 196 8.10 12.51 -14.31
N ALA A 197 7.87 11.70 -13.26
CA ALA A 197 8.23 12.02 -11.87
C ALA A 197 9.76 11.91 -11.63
N ILE A 198 10.43 10.99 -12.33
CA ILE A 198 11.89 10.83 -12.27
C ILE A 198 12.55 11.98 -13.06
N GLN A 199 12.04 12.27 -14.28
CA GLN A 199 12.54 13.27 -15.25
C GLN A 199 12.32 14.72 -14.87
N TYR A 200 11.07 15.10 -14.48
CA TYR A 200 10.82 16.50 -14.16
C TYR A 200 10.02 16.68 -12.86
N ARG A 201 10.18 15.71 -11.92
CA ARG A 201 9.57 15.70 -10.58
C ARG A 201 8.05 15.99 -10.57
N LYS A 202 7.34 15.43 -11.57
CA LYS A 202 5.89 15.63 -11.69
C LYS A 202 5.17 14.49 -10.97
N PHE A 203 4.58 14.79 -9.81
CA PHE A 203 3.86 13.83 -8.98
C PHE A 203 2.40 14.19 -8.88
N THR A 204 1.56 13.24 -9.31
CA THR A 204 0.10 13.32 -9.36
C THR A 204 -0.44 11.94 -9.00
N SER A 205 -1.78 11.80 -9.00
CA SER A 205 -2.43 10.52 -8.74
C SER A 205 -2.28 9.58 -9.98
N ALA A 206 -1.84 10.12 -11.14
CA ALA A 206 -1.55 9.35 -12.36
C ALA A 206 -0.13 8.72 -12.23
N SER A 207 0.77 9.37 -11.45
CA SER A 207 2.09 8.80 -11.15
C SER A 207 1.93 7.71 -10.03
N ASP A 208 0.85 7.83 -9.23
CA ASP A 208 0.49 6.85 -8.19
C ASP A 208 -0.17 5.64 -8.85
N VAL A 209 -0.86 5.86 -9.98
CA VAL A 209 -1.48 4.83 -10.81
C VAL A 209 -0.36 3.95 -11.43
N TRP A 210 0.76 4.58 -11.84
CA TRP A 210 1.95 3.86 -12.36
C TRP A 210 2.48 2.94 -11.24
N SER A 211 2.60 3.49 -10.02
CA SER A 211 3.08 2.78 -8.84
C SER A 211 2.15 1.61 -8.51
N TYR A 212 0.84 1.85 -8.65
CA TYR A 212 -0.20 0.85 -8.45
C TYR A 212 -0.01 -0.32 -9.43
N GLY A 213 0.37 0.00 -10.67
CA GLY A 213 0.65 -0.97 -11.71
C GLY A 213 1.81 -1.89 -11.36
N ILE A 214 2.83 -1.36 -10.64
CA ILE A 214 4.01 -2.10 -10.16
C ILE A 214 3.60 -3.03 -9.00
N VAL A 215 2.68 -2.55 -8.11
CA VAL A 215 2.05 -3.29 -7.00
C VAL A 215 1.23 -4.44 -7.62
N MET A 216 0.48 -4.17 -8.71
CA MET A 216 -0.30 -5.20 -9.44
C MET A 216 0.60 -6.33 -9.88
N TRP A 217 1.76 -5.97 -10.45
CA TRP A 217 2.76 -6.91 -10.89
C TRP A 217 3.33 -7.65 -9.67
N GLU A 218 3.56 -6.92 -8.54
CA GLU A 218 4.08 -7.49 -7.30
C GLU A 218 3.14 -8.53 -6.72
N VAL A 219 1.84 -8.25 -6.70
CA VAL A 219 0.79 -9.15 -6.20
C VAL A 219 0.71 -10.45 -7.02
N MET A 220 0.62 -10.32 -8.35
CA MET A 220 0.51 -11.44 -9.29
C MET A 220 1.78 -12.27 -9.42
N SER A 221 2.90 -11.77 -8.87
CA SER A 221 4.18 -12.46 -8.87
C SER A 221 4.56 -12.87 -7.45
N TYR A 222 3.59 -12.79 -6.51
CA TYR A 222 3.72 -13.16 -5.09
C TYR A 222 4.87 -12.45 -4.36
N GLY A 223 4.97 -11.14 -4.62
CA GLY A 223 5.91 -10.24 -3.97
C GLY A 223 7.34 -10.26 -4.44
N GLU A 224 7.58 -10.67 -5.69
CA GLU A 224 8.97 -10.66 -6.13
C GLU A 224 9.41 -9.22 -6.52
N ARG A 225 10.74 -9.02 -6.62
CA ARG A 225 11.37 -7.75 -6.95
C ARG A 225 11.08 -7.31 -8.37
N PRO A 226 10.47 -6.12 -8.54
CA PRO A 226 10.24 -5.61 -9.91
C PRO A 226 11.60 -5.36 -10.54
N TYR A 227 11.78 -5.80 -11.78
CA TYR A 227 13.02 -5.67 -12.58
C TYR A 227 14.19 -6.48 -12.00
N TRP A 228 13.89 -7.41 -11.07
CA TRP A 228 14.80 -8.35 -10.41
C TRP A 228 16.18 -7.75 -10.04
N ASP A 229 17.24 -8.05 -10.82
CA ASP A 229 18.60 -7.58 -10.55
C ASP A 229 19.08 -6.45 -11.50
N MET A 230 18.14 -5.69 -12.08
CA MET A 230 18.49 -4.54 -12.91
C MET A 230 18.85 -3.44 -11.94
N THR A 231 19.82 -2.60 -12.30
CA THR A 231 20.20 -1.46 -11.44
C THR A 231 19.10 -0.39 -11.60
N ASN A 232 19.03 0.60 -10.67
CA ASN A 232 18.03 1.69 -10.73
C ASN A 232 18.12 2.47 -12.06
N GLN A 233 19.34 2.58 -12.63
CA GLN A 233 19.60 3.26 -13.89
C GLN A 233 19.19 2.44 -15.10
N ASP A 234 19.37 1.10 -15.03
CA ASP A 234 18.96 0.17 -16.07
C ASP A 234 17.44 0.19 -16.20
N VAL A 235 16.71 0.34 -15.06
CA VAL A 235 15.23 0.41 -15.04
C VAL A 235 14.78 1.70 -15.72
N ILE A 236 15.38 2.85 -15.32
CA ILE A 236 15.09 4.17 -15.91
C ILE A 236 15.22 4.12 -17.43
N ASN A 237 16.34 3.58 -17.96
CA ASN A 237 16.59 3.53 -19.40
C ASN A 237 15.72 2.52 -20.13
N ALA A 238 15.37 1.42 -19.47
CA ALA A 238 14.48 0.40 -20.05
C ALA A 238 13.08 1.00 -20.19
N ILE A 239 12.57 1.65 -19.12
CA ILE A 239 11.26 2.31 -19.03
C ILE A 239 11.10 3.45 -20.08
N GLU A 240 12.20 4.18 -20.33
CA GLU A 240 12.28 5.29 -21.28
C GLU A 240 12.35 4.78 -22.73
N GLN A 241 12.76 3.52 -22.93
CA GLN A 241 12.89 2.89 -24.24
C GLN A 241 11.79 1.82 -24.50
N ASP A 242 10.57 2.09 -23.96
CA ASP A 242 9.32 1.33 -24.06
C ASP A 242 9.32 -0.08 -23.41
N TYR A 243 10.30 -0.39 -22.52
CA TYR A 243 10.29 -1.69 -21.84
C TYR A 243 9.26 -1.66 -20.72
N ARG A 244 8.50 -2.76 -20.56
CA ARG A 244 7.48 -2.93 -19.54
C ARG A 244 7.56 -4.35 -18.97
N LEU A 245 7.54 -4.49 -17.62
CA LEU A 245 7.61 -5.78 -16.91
C LEU A 245 6.77 -6.88 -17.57
N PRO A 246 7.35 -8.08 -17.81
CA PRO A 246 6.58 -9.15 -18.46
C PRO A 246 5.45 -9.67 -17.56
N PRO A 247 4.34 -10.21 -18.11
CA PRO A 247 3.28 -10.73 -17.22
C PRO A 247 3.79 -11.87 -16.32
N PRO A 248 3.48 -11.89 -15.00
CA PRO A 248 3.96 -13.00 -14.15
C PRO A 248 3.37 -14.34 -14.57
N MET A 249 3.99 -15.48 -14.17
CA MET A 249 3.45 -16.78 -14.59
C MET A 249 2.05 -17.02 -14.00
N ASP A 250 1.12 -17.51 -14.86
CA ASP A 250 -0.30 -17.81 -14.56
C ASP A 250 -1.21 -16.56 -14.54
N CYS A 251 -0.64 -15.35 -14.75
CA CYS A 251 -1.36 -14.06 -14.75
C CYS A 251 -2.35 -13.91 -15.92
N PRO A 252 -3.64 -13.59 -15.64
CA PRO A 252 -4.61 -13.41 -16.73
C PRO A 252 -4.32 -12.21 -17.63
N SER A 253 -4.83 -12.26 -18.88
CA SER A 253 -4.67 -11.24 -19.91
C SER A 253 -5.31 -9.92 -19.53
N ALA A 254 -6.47 -9.98 -18.84
CA ALA A 254 -7.21 -8.82 -18.39
C ALA A 254 -6.46 -8.09 -17.26
N LEU A 255 -5.69 -8.84 -16.44
CA LEU A 255 -4.86 -8.27 -15.38
C LEU A 255 -3.59 -7.65 -15.93
N HIS A 256 -2.91 -8.33 -16.88
CA HIS A 256 -1.71 -7.78 -17.50
C HIS A 256 -1.97 -6.50 -18.29
N GLN A 257 -3.11 -6.45 -19.01
CA GLN A 257 -3.52 -5.27 -19.77
C GLN A 257 -3.79 -4.08 -18.86
N LEU A 258 -4.41 -4.31 -17.68
CA LEU A 258 -4.67 -3.23 -16.73
C LEU A 258 -3.34 -2.61 -16.22
N MET A 259 -2.31 -3.46 -15.95
CA MET A 259 -0.96 -3.00 -15.56
C MET A 259 -0.39 -2.13 -16.69
N LEU A 260 -0.59 -2.54 -17.96
CA LEU A 260 -0.12 -1.85 -19.16
C LEU A 260 -0.73 -0.47 -19.30
N ASP A 261 -2.03 -0.34 -18.99
CA ASP A 261 -2.76 0.92 -18.97
C ASP A 261 -2.17 1.82 -17.84
N CYS A 262 -1.87 1.22 -16.65
CA CYS A 262 -1.27 1.94 -15.53
C CYS A 262 0.10 2.49 -15.93
N TRP A 263 0.81 1.78 -16.83
CA TRP A 263 2.14 2.14 -17.33
C TRP A 263 2.15 2.92 -18.68
N GLN A 264 1.00 3.49 -19.12
CA GLN A 264 0.96 4.28 -20.36
C GLN A 264 1.94 5.45 -20.22
N LYS A 265 2.85 5.65 -21.21
CA LYS A 265 3.84 6.73 -21.23
C LYS A 265 3.19 8.07 -20.89
N ASP A 266 2.05 8.40 -21.56
CA ASP A 266 1.28 9.61 -21.28
C ASP A 266 0.38 9.35 -20.06
N ARG A 267 0.59 10.12 -18.97
CA ARG A 267 -0.13 10.03 -17.69
C ARG A 267 -1.65 10.28 -17.78
N ASN A 268 -2.12 11.05 -18.79
CA ASN A 268 -3.53 11.38 -18.98
C ASN A 268 -4.29 10.19 -19.61
N HIS A 269 -3.53 9.25 -20.21
CA HIS A 269 -4.08 8.06 -20.87
C HIS A 269 -4.15 6.86 -19.92
N ARG A 270 -3.57 7.02 -18.72
CA ARG A 270 -3.60 6.01 -17.68
C ARG A 270 -5.00 6.03 -17.05
N PRO A 271 -5.55 4.88 -16.56
CA PRO A 271 -6.87 4.94 -15.92
C PRO A 271 -6.80 5.69 -14.59
N LYS A 272 -7.93 6.22 -14.14
CA LYS A 272 -7.98 6.86 -12.83
C LYS A 272 -8.29 5.71 -11.84
N PHE A 273 -8.09 5.94 -10.54
CA PHE A 273 -8.32 4.91 -9.52
C PHE A 273 -9.78 4.41 -9.48
N GLY A 274 -10.73 5.30 -9.74
CA GLY A 274 -12.15 4.94 -9.84
C GLY A 274 -12.37 3.94 -10.96
N GLN A 275 -11.73 4.18 -12.13
CA GLN A 275 -11.81 3.26 -13.29
C GLN A 275 -11.16 1.91 -12.98
N ILE A 276 -10.02 1.90 -12.23
CA ILE A 276 -9.33 0.66 -11.85
C ILE A 276 -10.27 -0.23 -11.01
N VAL A 277 -10.89 0.35 -9.95
CA VAL A 277 -11.84 -0.34 -9.07
C VAL A 277 -13.01 -0.97 -9.88
N ASN A 278 -13.55 -0.19 -10.83
CA ASN A 278 -14.62 -0.62 -11.75
C ASN A 278 -14.20 -1.83 -12.58
N THR A 279 -12.95 -1.80 -13.11
CA THR A 279 -12.32 -2.86 -13.92
C THR A 279 -12.16 -4.16 -13.10
N LEU A 280 -11.62 -4.06 -11.88
CA LEU A 280 -11.43 -5.22 -11.00
C LEU A 280 -12.75 -5.78 -10.48
N ASP A 281 -13.77 -4.91 -10.26
CA ASP A 281 -15.11 -5.33 -9.85
C ASP A 281 -15.78 -6.11 -10.97
N LYS A 282 -15.63 -5.64 -12.23
CA LYS A 282 -16.17 -6.32 -13.42
C LYS A 282 -15.55 -7.72 -13.62
N MET A 283 -14.29 -7.93 -13.13
CA MET A 283 -13.53 -9.18 -13.17
C MET A 283 -13.99 -10.15 -12.09
N ILE A 284 -14.26 -9.65 -10.85
CA ILE A 284 -14.74 -10.47 -9.73
C ILE A 284 -16.16 -10.93 -10.05
N ARG A 285 -16.98 -10.02 -10.61
CA ARG A 285 -18.36 -10.31 -11.04
C ARG A 285 -18.39 -11.37 -12.14
N ASN A 286 -17.45 -11.29 -13.12
CA ASN A 286 -17.35 -12.25 -14.20
C ASN A 286 -15.97 -12.97 -14.15
N PRO A 287 -15.83 -14.03 -13.32
CA PRO A 287 -14.52 -14.71 -13.20
C PRO A 287 -14.01 -15.46 -14.45
N ASN A 288 -14.84 -15.49 -15.53
CA ASN A 288 -14.49 -16.10 -16.82
C ASN A 288 -13.44 -15.24 -17.55
N SER A 289 -13.49 -13.91 -17.35
CA SER A 289 -12.55 -12.93 -17.94
C SER A 289 -11.10 -13.09 -17.44
N LEU A 290 -10.89 -13.91 -16.40
CA LEU A 290 -9.58 -14.20 -15.81
C LEU A 290 -9.03 -15.58 -16.22
N LYS A 291 -9.75 -16.31 -17.11
CA LYS A 291 -9.36 -17.64 -17.59
C LYS A 291 -8.29 -17.58 -18.69
N ALA A 292 -8.36 -16.56 -19.58
CA ALA A 292 -7.39 -16.38 -20.67
C ALA A 292 -6.08 -15.79 -20.15
N MET A 293 -4.95 -16.46 -20.45
CA MET A 293 -3.58 -16.05 -20.06
C MET A 293 -2.82 -15.44 -21.24
N ALA A 294 -2.11 -14.44 -21.02
#